data_1VR2
#
_entry.id   1VR2
#
_cell.length_a   95.410
_cell.length_b   96.040
_cell.length_c   38.220
_cell.angle_alpha   90.00
_cell.angle_beta   90.00
_cell.angle_gamma   90.00
#
_symmetry.space_group_name_H-M   'P 21 21 21'
#
loop_
_entity.id
_entity.type
_entity.pdbx_description
1 polymer 'PROTEIN (VASCULAR ENDOTHELIAL GROWTH FACTOR RECEPTOR KINASE)'
2 water water
#
_entity_poly.entity_id   1
_entity_poly.type   'polypeptide(L)'
_entity_poly.pdbx_seq_one_letter_code
;MDPDELPLDEHCERLPYDASKWEFPRDRLKLGKPLGRGAFGQVIEADAFGIDKTATCRTVAVKMLKEGATHSEHRALMSE
LKILIHIGHHLNVVNLLGACTKPGGPLMVIVEFCKFGNLSTYLRSKRNEFVPYKVAPEDLYKDFLTLEHLICYSFQVAKG
MEFLASRKCIHRDLAARNILLSEKNVVKICDFGLARDIYKDPD(PTR)VRKGDARLPLKWMAPETIFDRVYTIQSDVWSF
GVLLWEIFSLGASPYPGVKIDEEFCRRLKEGTRMRAPDYTTPEMYQTMLDCWHGEPSQRPTFSELVEHLGNLLQANAQQD
;
_entity_poly.pdbx_strand_id   A
#
# COMPACT_ATOMS: atom_id res chain seq x y z
N LEU A 15 0.96 -14.89 -20.96
CA LEU A 15 -0.38 -14.48 -20.41
C LEU A 15 -0.97 -13.49 -21.41
N PRO A 16 -2.28 -13.61 -21.72
CA PRO A 16 -2.89 -12.71 -22.68
C PRO A 16 -2.95 -11.31 -22.27
N TYR A 17 -2.81 -10.47 -23.29
CA TYR A 17 -2.90 -9.06 -23.11
C TYR A 17 -3.97 -8.60 -24.10
N ASP A 18 -5.14 -8.28 -23.59
CA ASP A 18 -6.23 -7.81 -24.42
C ASP A 18 -5.97 -6.32 -24.73
N ALA A 19 -5.37 -6.06 -25.89
CA ALA A 19 -5.04 -4.69 -26.29
C ALA A 19 -6.26 -3.78 -26.54
N SER A 20 -7.41 -4.38 -26.83
CA SER A 20 -8.59 -3.60 -27.08
C SER A 20 -8.96 -2.91 -25.77
N LYS A 21 -8.92 -3.66 -24.69
CA LYS A 21 -9.26 -3.10 -23.41
C LYS A 21 -8.20 -2.22 -22.76
N TRP A 22 -6.92 -2.59 -22.88
CA TRP A 22 -5.89 -1.86 -22.19
C TRP A 22 -4.98 -0.89 -22.88
N GLU A 23 -4.74 -1.11 -24.16
CA GLU A 23 -3.82 -0.29 -24.92
C GLU A 23 -4.27 1.15 -25.01
N PHE A 24 -3.34 2.08 -24.74
CA PHE A 24 -3.60 3.52 -24.76
C PHE A 24 -2.55 4.16 -25.70
N PRO A 25 -2.97 5.11 -26.57
CA PRO A 25 -2.02 5.74 -27.51
C PRO A 25 -0.99 6.66 -26.90
N ARG A 26 0.26 6.38 -27.22
CA ARG A 26 1.35 7.17 -26.72
C ARG A 26 1.18 8.61 -27.09
N ASP A 27 0.40 8.90 -28.13
CA ASP A 27 0.29 10.31 -28.47
C ASP A 27 -0.74 11.04 -27.62
N ARG A 28 -1.40 10.29 -26.75
CA ARG A 28 -2.37 10.86 -25.83
C ARG A 28 -1.74 11.01 -24.46
N LEU A 29 -0.48 10.62 -24.34
CA LEU A 29 0.25 10.67 -23.08
C LEU A 29 1.37 11.72 -23.11
N LYS A 30 1.32 12.65 -22.19
CA LYS A 30 2.31 13.70 -22.12
C LYS A 30 3.09 13.52 -20.81
N LEU A 31 4.33 13.08 -20.91
CA LEU A 31 5.18 12.86 -19.74
C LEU A 31 5.67 14.12 -19.03
N GLY A 32 5.62 14.10 -17.69
CA GLY A 32 6.05 15.22 -16.86
C GLY A 32 7.20 14.87 -15.92
N LYS A 33 7.18 15.40 -14.70
CA LYS A 33 8.26 15.15 -13.74
C LYS A 33 8.23 13.78 -13.10
N PRO A 34 9.41 13.19 -12.91
CA PRO A 34 9.54 11.87 -12.28
C PRO A 34 8.91 11.85 -10.91
N LEU A 35 8.19 10.77 -10.65
CA LEU A 35 7.56 10.61 -9.36
C LEU A 35 8.47 9.74 -8.50
N GLY A 36 9.43 9.07 -9.13
CA GLY A 36 10.35 8.22 -8.40
C GLY A 36 11.31 7.48 -9.31
N ARG A 37 12.28 6.81 -8.70
CA ARG A 37 13.29 6.06 -9.43
C ARG A 37 13.42 4.66 -8.83
N GLY A 38 14.51 3.98 -9.17
CA GLY A 38 14.76 2.64 -8.65
C GLY A 38 16.00 2.07 -9.30
N ALA A 39 16.26 0.78 -9.07
CA ALA A 39 17.42 0.15 -9.68
C ALA A 39 17.00 -0.44 -11.02
N PHE A 40 15.69 -0.67 -11.18
CA PHE A 40 15.11 -1.26 -12.40
C PHE A 40 14.04 -0.37 -13.07
N GLY A 41 13.04 0.03 -12.32
CA GLY A 41 11.98 0.83 -12.90
C GLY A 41 12.12 2.30 -12.58
N GLN A 42 11.07 3.04 -12.88
CA GLN A 42 11.01 4.47 -12.63
C GLN A 42 9.62 5.00 -12.94
N VAL A 43 9.09 5.85 -12.07
CA VAL A 43 7.77 6.40 -12.27
C VAL A 43 7.86 7.86 -12.59
N ILE A 44 6.95 8.31 -13.42
CA ILE A 44 6.96 9.69 -13.85
C ILE A 44 5.55 10.22 -14.05
N GLU A 45 5.28 11.41 -13.56
CA GLU A 45 3.96 11.99 -13.70
C GLU A 45 3.63 12.23 -15.17
N ALA A 46 2.34 12.33 -15.50
CA ALA A 46 1.91 12.53 -16.88
C ALA A 46 0.43 12.82 -16.99
N ASP A 47 0.07 13.54 -18.05
CA ASP A 47 -1.31 13.92 -18.37
C ASP A 47 -1.69 13.02 -19.54
N ALA A 48 -2.79 12.30 -19.42
CA ALA A 48 -3.26 11.42 -20.49
C ALA A 48 -4.63 11.97 -20.85
N PHE A 49 -4.93 12.11 -22.14
CA PHE A 49 -6.23 12.65 -22.51
C PHE A 49 -7.23 11.55 -22.71
N GLY A 50 -8.37 11.75 -22.10
CA GLY A 50 -9.43 10.78 -22.21
C GLY A 50 -9.04 9.38 -21.82
N ILE A 51 -8.20 9.17 -20.80
CA ILE A 51 -7.85 7.79 -20.42
C ILE A 51 -9.05 6.98 -19.87
N ASP A 52 -10.21 7.65 -19.53
CA ASP A 52 -11.38 7.00 -18.97
C ASP A 52 -12.62 7.25 -19.83
N LYS A 53 -12.43 7.28 -21.14
CA LYS A 53 -13.50 7.50 -22.12
C LYS A 53 -14.12 8.91 -22.18
N THR A 54 -13.80 9.78 -21.22
CA THR A 54 -14.37 11.13 -21.24
C THR A 54 -13.41 12.15 -21.82
N ALA A 55 -13.89 13.33 -22.29
CA ALA A 55 -12.97 14.32 -22.85
C ALA A 55 -12.26 15.18 -21.81
N THR A 56 -11.49 14.54 -20.94
CA THR A 56 -10.76 15.22 -19.86
C THR A 56 -9.26 14.84 -19.83
N CYS A 57 -8.40 15.80 -19.49
CA CYS A 57 -6.96 15.52 -19.37
C CYS A 57 -6.77 15.07 -17.93
N ARG A 58 -6.40 13.81 -17.75
CA ARG A 58 -6.20 13.23 -16.41
C ARG A 58 -4.74 12.97 -16.05
N THR A 59 -4.31 13.44 -14.88
CA THR A 59 -2.93 13.22 -14.43
C THR A 59 -2.87 11.79 -13.96
N VAL A 60 -1.79 11.12 -14.34
CA VAL A 60 -1.57 9.71 -14.01
C VAL A 60 -0.09 9.50 -13.69
N ALA A 61 0.23 8.28 -13.24
CA ALA A 61 1.57 7.78 -12.92
C ALA A 61 1.95 6.69 -13.97
N VAL A 62 3.10 6.85 -14.61
CA VAL A 62 3.59 5.95 -15.66
C VAL A 62 4.82 5.13 -15.26
N LYS A 63 4.65 3.83 -15.24
CA LYS A 63 5.76 2.98 -14.94
C LYS A 63 6.40 2.67 -16.30
N MET A 64 7.65 3.03 -16.47
CA MET A 64 8.33 2.75 -17.71
C MET A 64 9.70 2.22 -17.34
N LEU A 65 10.39 1.64 -18.31
CA LEU A 65 11.72 1.13 -18.04
C LEU A 65 12.80 2.22 -18.11
N LYS A 66 13.95 1.91 -17.52
CA LYS A 66 15.07 2.84 -17.53
C LYS A 66 15.80 2.70 -18.86
N GLU A 67 16.59 3.72 -19.18
CA GLU A 67 17.37 3.76 -20.42
C GLU A 67 18.49 2.69 -20.37
N GLY A 68 18.30 1.60 -21.12
CA GLY A 68 19.27 0.52 -21.14
C GLY A 68 18.82 -0.69 -20.32
N ALA A 69 17.51 -0.81 -20.11
CA ALA A 69 16.94 -1.92 -19.34
C ALA A 69 16.96 -3.21 -20.18
N THR A 70 17.28 -4.30 -19.51
CA THR A 70 17.40 -5.61 -20.13
C THR A 70 16.08 -6.32 -20.29
N HIS A 71 16.10 -7.37 -21.11
CA HIS A 71 14.92 -8.17 -21.41
C HIS A 71 14.20 -8.75 -20.20
N SER A 72 14.93 -8.88 -19.09
CA SER A 72 14.34 -9.39 -17.88
C SER A 72 13.70 -8.22 -17.11
N GLU A 73 14.25 -7.02 -17.30
CA GLU A 73 13.68 -5.84 -16.69
C GLU A 73 12.41 -5.61 -17.48
N HIS A 74 12.49 -5.91 -18.76
CA HIS A 74 11.38 -5.77 -19.68
C HIS A 74 10.36 -6.88 -19.40
N ARG A 75 10.82 -8.09 -19.15
CA ARG A 75 9.90 -9.16 -18.83
C ARG A 75 9.22 -8.84 -17.48
N ALA A 76 9.93 -8.14 -16.60
CA ALA A 76 9.38 -7.81 -15.29
C ALA A 76 8.25 -6.80 -15.32
N LEU A 77 8.47 -5.65 -15.96
CA LEU A 77 7.43 -4.63 -16.09
C LEU A 77 6.20 -5.23 -16.78
N MET A 78 6.45 -6.00 -17.83
CA MET A 78 5.39 -6.67 -18.58
C MET A 78 4.66 -7.68 -17.66
N SER A 79 5.41 -8.41 -16.85
CA SER A 79 4.83 -9.36 -15.93
C SER A 79 3.90 -8.67 -14.93
N GLU A 80 4.39 -7.62 -14.30
CA GLU A 80 3.59 -6.90 -13.35
C GLU A 80 2.36 -6.31 -14.02
N LEU A 81 2.44 -6.04 -15.32
CA LEU A 81 1.31 -5.50 -16.07
C LEU A 81 0.17 -6.50 -16.09
N LYS A 82 0.49 -7.78 -16.34
CA LYS A 82 -0.49 -8.88 -16.40
C LYS A 82 -1.09 -9.20 -15.02
N ILE A 83 -0.28 -9.09 -13.98
CA ILE A 83 -0.76 -9.31 -12.62
C ILE A 83 -1.82 -8.25 -12.32
N LEU A 84 -1.50 -6.98 -12.59
CA LEU A 84 -2.44 -5.87 -12.39
C LEU A 84 -3.74 -6.15 -13.10
N ILE A 85 -3.62 -6.55 -14.36
CA ILE A 85 -4.79 -6.89 -15.13
C ILE A 85 -5.51 -8.05 -14.40
N HIS A 86 -4.74 -9.03 -13.93
CA HIS A 86 -5.30 -10.15 -13.21
C HIS A 86 -6.06 -9.72 -11.94
N ILE A 87 -5.35 -9.08 -11.02
CA ILE A 87 -5.89 -8.59 -9.75
C ILE A 87 -7.26 -7.99 -10.00
N GLY A 88 -7.32 -7.08 -10.97
CA GLY A 88 -8.57 -6.42 -11.27
C GLY A 88 -8.68 -5.04 -10.62
N HIS A 89 -9.88 -4.52 -10.50
CA HIS A 89 -10.08 -3.20 -9.95
C HIS A 89 -10.65 -3.12 -8.52
N HIS A 90 -10.13 -2.18 -7.76
CA HIS A 90 -10.64 -1.93 -6.42
C HIS A 90 -10.32 -0.50 -6.10
N LEU A 91 -11.21 0.19 -5.39
CA LEU A 91 -11.02 1.60 -5.01
C LEU A 91 -9.82 1.80 -4.11
N ASN A 92 -9.50 0.80 -3.32
CA ASN A 92 -8.40 0.94 -2.40
C ASN A 92 -7.05 0.41 -2.83
N VAL A 93 -6.83 0.28 -4.15
CA VAL A 93 -5.53 -0.12 -4.69
C VAL A 93 -5.22 0.88 -5.78
N VAL A 94 -3.96 0.97 -6.15
CA VAL A 94 -3.53 1.86 -7.20
C VAL A 94 -3.85 1.03 -8.44
N ASN A 95 -4.88 1.41 -9.17
CA ASN A 95 -5.31 0.63 -10.37
C ASN A 95 -4.58 0.88 -11.66
N LEU A 96 -4.61 -0.14 -12.50
CA LEU A 96 -4.06 -0.11 -13.83
C LEU A 96 -5.13 0.69 -14.59
N LEU A 97 -4.68 1.66 -15.39
CA LEU A 97 -5.55 2.51 -16.18
C LEU A 97 -5.38 2.17 -17.67
N GLY A 98 -4.17 1.80 -18.09
CA GLY A 98 -3.94 1.46 -19.50
C GLY A 98 -2.46 1.19 -19.74
N ALA A 99 -2.08 0.82 -20.96
CA ALA A 99 -0.67 0.53 -21.25
C ALA A 99 -0.26 0.86 -22.68
N CYS A 100 1.04 1.02 -22.87
CA CYS A 100 1.62 1.30 -24.17
C CYS A 100 2.59 0.18 -24.39
N THR A 101 2.17 -0.80 -25.20
CA THR A 101 3.00 -1.97 -25.48
C THR A 101 3.35 -2.17 -26.96
N LYS A 102 2.47 -1.72 -27.85
CA LYS A 102 2.71 -1.88 -29.28
C LYS A 102 4.03 -1.26 -29.72
N PRO A 103 4.48 -1.54 -30.94
CA PRO A 103 5.74 -0.98 -31.42
C PRO A 103 5.69 0.51 -31.67
N GLY A 104 6.87 1.12 -31.61
CA GLY A 104 7.03 2.56 -31.84
C GLY A 104 7.24 3.40 -30.60
N GLY A 105 7.62 2.73 -29.50
CA GLY A 105 7.84 3.45 -28.25
C GLY A 105 8.13 2.60 -27.02
N PRO A 106 8.37 3.27 -25.86
CA PRO A 106 8.67 2.61 -24.58
C PRO A 106 7.48 1.90 -23.95
N LEU A 107 7.74 0.75 -23.33
CA LEU A 107 6.70 0.00 -22.62
C LEU A 107 6.34 0.91 -21.45
N MET A 108 5.06 1.25 -21.31
CA MET A 108 4.64 2.10 -20.21
C MET A 108 3.35 1.58 -19.59
N VAL A 109 3.35 1.47 -18.27
CA VAL A 109 2.20 0.98 -17.49
C VAL A 109 1.65 2.17 -16.71
N ILE A 110 0.51 2.66 -17.18
CA ILE A 110 -0.18 3.81 -16.63
C ILE A 110 -1.06 3.33 -15.45
N VAL A 111 -0.86 3.91 -14.27
CA VAL A 111 -1.68 3.54 -13.11
C VAL A 111 -2.21 4.82 -12.51
N GLU A 112 -3.10 4.73 -11.55
CA GLU A 112 -3.65 5.92 -10.92
C GLU A 112 -2.58 6.73 -10.19
N PHE A 113 -2.70 8.04 -10.27
CA PHE A 113 -1.75 8.96 -9.63
C PHE A 113 -2.32 9.38 -8.26
N CYS A 114 -1.54 9.20 -7.20
CA CYS A 114 -1.99 9.59 -5.86
C CYS A 114 -1.20 10.83 -5.44
N LYS A 115 -1.87 11.97 -5.45
CA LYS A 115 -1.22 13.25 -5.20
C LYS A 115 -0.57 13.57 -3.85
N PHE A 116 -1.05 12.99 -2.76
CA PHE A 116 -0.45 13.33 -1.48
C PHE A 116 0.72 12.51 -1.04
N GLY A 117 1.04 11.47 -1.80
CA GLY A 117 2.17 10.59 -1.49
C GLY A 117 1.85 9.50 -0.50
N ASN A 118 2.86 8.71 -0.13
CA ASN A 118 2.68 7.61 0.83
C ASN A 118 2.07 8.10 2.15
N LEU A 119 1.47 7.18 2.90
CA LEU A 119 0.80 7.53 4.14
C LEU A 119 1.68 7.98 5.29
N SER A 120 2.79 7.29 5.53
CA SER A 120 3.69 7.63 6.62
C SER A 120 4.19 9.04 6.56
N THR A 121 4.76 9.40 5.42
CA THR A 121 5.28 10.74 5.20
C THR A 121 4.13 11.76 5.35
N TYR A 122 2.95 11.41 4.89
CA TYR A 122 1.86 12.34 5.02
C TYR A 122 1.49 12.56 6.48
N LEU A 123 1.28 11.46 7.20
CA LEU A 123 0.86 11.51 8.61
C LEU A 123 1.85 12.29 9.47
N ARG A 124 3.14 12.02 9.31
CA ARG A 124 4.16 12.73 10.05
C ARG A 124 3.94 14.25 9.90
N SER A 125 3.61 14.67 8.67
CA SER A 125 3.39 16.08 8.33
C SER A 125 2.17 16.72 8.98
N LYS A 126 1.37 15.91 9.64
CA LYS A 126 0.16 16.44 10.22
C LYS A 126 0.12 16.34 11.73
N ARG A 127 1.23 16.01 12.38
CA ARG A 127 1.22 15.93 13.85
C ARG A 127 0.72 17.20 14.51
N ASN A 128 0.86 18.32 13.78
CA ASN A 128 0.43 19.64 14.21
C ASN A 128 -1.04 19.87 13.86
N GLU A 129 -1.48 19.25 12.77
CA GLU A 129 -2.87 19.36 12.34
C GLU A 129 -3.61 18.08 12.69
N PHE A 130 -3.72 17.82 13.99
CA PHE A 130 -4.42 16.65 14.46
C PHE A 130 -5.06 16.82 15.83
N VAL A 131 -6.36 16.62 15.88
CA VAL A 131 -7.09 16.70 17.13
C VAL A 131 -7.96 15.45 17.14
N PRO A 132 -7.95 14.66 18.24
CA PRO A 132 -8.76 13.44 18.31
C PRO A 132 -10.14 13.63 17.76
N TYR A 133 -10.90 14.55 18.34
CA TYR A 133 -12.24 14.81 17.85
C TYR A 133 -12.38 16.29 17.68
N LYS A 134 -13.42 16.66 16.96
CA LYS A 134 -13.76 18.04 16.68
C LYS A 134 -15.05 18.32 17.45
N ASP A 143 -9.51 20.91 8.02
CA ASP A 143 -8.03 21.09 8.07
C ASP A 143 -7.33 19.97 8.84
N PHE A 144 -7.74 19.77 10.08
CA PHE A 144 -7.14 18.77 10.96
C PHE A 144 -7.56 17.35 10.73
N LEU A 145 -6.63 16.44 11.01
CA LEU A 145 -6.93 15.03 10.95
C LEU A 145 -7.60 14.82 12.32
N THR A 146 -8.21 13.65 12.50
CA THR A 146 -8.93 13.34 13.70
C THR A 146 -8.97 11.83 13.74
N LEU A 147 -9.51 11.27 14.81
CA LEU A 147 -9.59 9.83 14.91
C LEU A 147 -10.32 9.25 13.73
N GLU A 148 -11.25 9.99 13.15
CA GLU A 148 -12.01 9.50 11.99
C GLU A 148 -11.15 9.22 10.78
N HIS A 149 -10.15 10.06 10.56
CA HIS A 149 -9.24 9.90 9.44
C HIS A 149 -8.42 8.66 9.66
N LEU A 150 -7.68 8.64 10.75
CA LEU A 150 -6.85 7.50 11.08
C LEU A 150 -7.64 6.20 11.00
N ILE A 151 -8.85 6.16 11.56
CA ILE A 151 -9.63 4.93 11.49
C ILE A 151 -10.14 4.66 10.05
N CYS A 152 -10.48 5.72 9.30
CA CYS A 152 -10.95 5.54 7.93
C CYS A 152 -9.84 5.01 7.05
N TYR A 153 -8.61 5.49 7.24
CA TYR A 153 -7.49 5.00 6.44
C TYR A 153 -7.27 3.51 6.75
N SER A 154 -7.32 3.15 8.04
CA SER A 154 -7.12 1.76 8.49
C SER A 154 -8.17 0.88 7.85
N PHE A 155 -9.43 1.30 8.00
CA PHE A 155 -10.56 0.57 7.42
C PHE A 155 -10.36 0.34 5.88
N GLN A 156 -10.03 1.40 5.15
CA GLN A 156 -9.79 1.33 3.71
C GLN A 156 -8.68 0.35 3.34
N VAL A 157 -7.57 0.40 4.07
CA VAL A 157 -6.48 -0.52 3.81
C VAL A 157 -6.99 -1.98 4.07
N ALA A 158 -7.86 -2.17 5.05
CA ALA A 158 -8.39 -3.52 5.29
C ALA A 158 -9.29 -3.95 4.10
N LYS A 159 -10.05 -3.01 3.53
CA LYS A 159 -10.91 -3.28 2.34
C LYS A 159 -9.97 -3.72 1.21
N GLY A 160 -8.96 -2.90 0.96
CA GLY A 160 -7.97 -3.15 -0.08
C GLY A 160 -7.31 -4.50 0.06
N MET A 161 -7.04 -4.90 1.30
CA MET A 161 -6.38 -6.17 1.56
C MET A 161 -7.31 -7.36 1.47
N GLU A 162 -8.56 -7.13 1.82
CA GLU A 162 -9.57 -8.18 1.73
C GLU A 162 -9.74 -8.48 0.22
N PHE A 163 -9.66 -7.43 -0.62
CA PHE A 163 -9.75 -7.59 -2.07
C PHE A 163 -8.58 -8.42 -2.60
N LEU A 164 -7.36 -7.97 -2.32
CA LEU A 164 -6.16 -8.69 -2.78
C LEU A 164 -6.16 -10.12 -2.34
N ALA A 165 -6.65 -10.34 -1.13
CA ALA A 165 -6.71 -11.69 -0.59
C ALA A 165 -7.74 -12.49 -1.40
N SER A 166 -8.84 -11.82 -1.80
CA SER A 166 -9.89 -12.46 -2.61
C SER A 166 -9.30 -12.96 -3.93
N ARG A 167 -8.45 -12.15 -4.56
CA ARG A 167 -7.79 -12.47 -5.82
C ARG A 167 -6.64 -13.40 -5.62
N LYS A 168 -6.45 -13.81 -4.36
CA LYS A 168 -5.39 -14.72 -3.98
C LYS A 168 -3.99 -14.16 -4.08
N CYS A 169 -3.85 -12.88 -3.76
CA CYS A 169 -2.58 -12.20 -3.77
C CYS A 169 -2.10 -11.94 -2.33
N ILE A 170 -0.79 -11.83 -2.13
CA ILE A 170 -0.20 -11.59 -0.81
C ILE A 170 0.72 -10.41 -1.06
N HIS A 171 0.57 -9.38 -0.24
CA HIS A 171 1.43 -8.21 -0.41
C HIS A 171 2.92 -8.40 -0.13
N ARG A 172 3.26 -9.11 0.94
CA ARG A 172 4.66 -9.35 1.32
C ARG A 172 5.40 -8.18 1.97
N ASP A 173 4.87 -6.96 1.86
CA ASP A 173 5.49 -5.79 2.49
C ASP A 173 4.49 -4.65 2.68
N LEU A 174 3.47 -4.93 3.49
CA LEU A 174 2.42 -3.96 3.75
C LEU A 174 2.87 -3.00 4.85
N ALA A 175 3.18 -1.76 4.47
CA ALA A 175 3.64 -0.73 5.39
C ALA A 175 3.00 0.55 4.91
N ALA A 176 3.01 1.62 5.72
CA ALA A 176 2.40 2.90 5.34
C ALA A 176 3.03 3.65 4.18
N ARG A 177 4.33 3.43 3.94
CA ARG A 177 5.06 4.06 2.83
C ARG A 177 4.50 3.48 1.52
N ASN A 178 3.87 2.31 1.60
CA ASN A 178 3.26 1.64 0.44
C ASN A 178 1.76 1.89 0.39
N ILE A 179 1.29 2.90 1.10
CA ILE A 179 -0.12 3.27 1.05
C ILE A 179 -0.01 4.69 0.53
N LEU A 180 -0.76 5.02 -0.50
CA LEU A 180 -0.69 6.34 -1.10
C LEU A 180 -2.00 7.03 -0.85
N LEU A 181 -1.91 8.36 -0.67
CA LEU A 181 -3.09 9.15 -0.40
C LEU A 181 -3.54 9.99 -1.60
N SER A 182 -4.84 9.87 -1.98
CA SER A 182 -5.37 10.63 -3.09
C SER A 182 -6.36 11.67 -2.60
N GLU A 183 -7.03 12.25 -3.56
CA GLU A 183 -8.00 13.32 -3.40
C GLU A 183 -9.00 13.33 -2.24
N LYS A 184 -9.92 12.36 -2.25
CA LYS A 184 -10.99 12.41 -1.27
C LYS A 184 -10.65 11.93 0.14
N ASN A 185 -9.38 11.82 0.63
CA ASN A 185 -8.94 10.86 1.64
C ASN A 185 -9.07 9.40 1.28
N VAL A 186 -8.97 9.12 0.00
CA VAL A 186 -9.03 7.76 -0.47
C VAL A 186 -7.58 7.40 -0.34
N VAL A 187 -7.36 6.19 0.12
CA VAL A 187 -6.02 5.69 0.34
C VAL A 187 -5.97 4.41 -0.52
N LYS A 188 -4.85 4.20 -1.20
CA LYS A 188 -4.70 3.06 -2.08
C LYS A 188 -3.39 2.32 -1.85
N ILE A 189 -3.44 0.99 -1.90
CA ILE A 189 -2.27 0.13 -1.70
C ILE A 189 -1.55 -0.02 -3.02
N CYS A 190 -0.22 -0.04 -2.99
CA CYS A 190 0.58 -0.22 -4.18
C CYS A 190 1.64 -1.28 -3.86
N ASP A 191 2.33 -1.78 -4.89
CA ASP A 191 3.38 -2.81 -4.72
C ASP A 191 2.67 -4.10 -4.28
N PHE A 192 1.40 -4.21 -4.69
CA PHE A 192 0.47 -5.29 -4.33
C PHE A 192 0.44 -6.58 -5.16
N ASP A 209 15.65 9.31 3.84
CA ASP A 209 14.69 8.49 4.64
C ASP A 209 14.57 7.09 4.06
N ALA A 210 14.46 6.11 4.96
CA ALA A 210 14.32 4.71 4.57
C ALA A 210 13.53 3.99 5.66
N ARG A 211 13.37 2.69 5.47
CA ARG A 211 12.62 1.84 6.38
C ARG A 211 13.39 0.56 6.54
N LEU A 212 13.19 -0.12 7.66
CA LEU A 212 13.85 -1.39 7.85
C LEU A 212 12.72 -2.40 7.73
N PRO A 213 12.48 -2.89 6.51
CA PRO A 213 11.41 -3.87 6.25
C PRO A 213 11.28 -5.10 7.18
N LEU A 214 12.29 -5.39 7.98
CA LEU A 214 12.20 -6.54 8.89
C LEU A 214 11.18 -6.26 10.00
N LYS A 215 11.04 -4.98 10.32
CA LYS A 215 10.13 -4.52 11.35
C LYS A 215 8.63 -4.76 11.07
N TRP A 216 8.30 -5.21 9.86
CA TRP A 216 6.92 -5.46 9.45
C TRP A 216 6.67 -6.92 9.26
N MET A 217 7.74 -7.70 9.40
CA MET A 217 7.67 -9.15 9.20
C MET A 217 7.15 -10.01 10.34
N ALA A 218 6.17 -10.85 10.04
CA ALA A 218 5.63 -11.73 11.06
C ALA A 218 6.77 -12.62 11.52
N PRO A 219 6.70 -13.18 12.74
CA PRO A 219 7.78 -14.05 13.23
C PRO A 219 8.06 -15.34 12.41
N GLU A 220 7.03 -15.97 11.86
CA GLU A 220 7.26 -17.17 11.07
C GLU A 220 7.90 -16.78 9.74
N THR A 221 7.60 -15.58 9.27
CA THR A 221 8.17 -15.09 8.03
C THR A 221 9.64 -14.85 8.25
N ILE A 222 9.99 -14.19 9.34
CA ILE A 222 11.38 -13.92 9.67
C ILE A 222 12.11 -15.27 9.85
N PHE A 223 11.52 -16.14 10.64
CA PHE A 223 12.12 -17.43 10.90
C PHE A 223 11.94 -18.41 9.75
N ASP A 224 10.77 -19.02 9.66
CA ASP A 224 10.45 -20.01 8.61
C ASP A 224 10.34 -19.41 7.18
N ARG A 225 10.62 -18.11 7.07
CA ARG A 225 10.53 -17.35 5.82
C ARG A 225 9.30 -17.51 4.95
N VAL A 226 8.19 -17.90 5.57
CA VAL A 226 6.93 -18.08 4.86
C VAL A 226 6.23 -16.73 4.75
N TYR A 227 5.49 -16.53 3.65
CA TYR A 227 4.76 -15.30 3.44
C TYR A 227 3.37 -15.73 3.10
N THR A 228 2.39 -15.44 3.97
CA THR A 228 0.98 -15.79 3.73
C THR A 228 0.11 -14.56 4.00
N ILE A 229 -1.19 -14.62 3.71
CA ILE A 229 -2.00 -13.44 4.00
C ILE A 229 -2.08 -13.23 5.49
N GLN A 230 -1.97 -14.31 6.26
CA GLN A 230 -2.04 -14.18 7.71
C GLN A 230 -0.79 -13.53 8.24
N SER A 231 0.30 -13.56 7.47
CA SER A 231 1.50 -12.84 7.90
C SER A 231 1.37 -11.35 7.43
N ASP A 232 0.46 -11.09 6.47
CA ASP A 232 0.16 -9.73 5.97
C ASP A 232 -0.68 -9.02 7.02
N VAL A 233 -1.50 -9.80 7.72
CA VAL A 233 -2.31 -9.26 8.84
C VAL A 233 -1.39 -8.79 9.97
N TRP A 234 -0.32 -9.54 10.24
CA TRP A 234 0.63 -9.13 11.24
C TRP A 234 1.11 -7.80 10.72
N SER A 235 1.60 -7.78 9.47
CA SER A 235 2.09 -6.53 8.84
C SER A 235 1.07 -5.43 8.93
N PHE A 236 -0.20 -5.79 8.74
CA PHE A 236 -1.29 -4.83 8.83
C PHE A 236 -1.31 -4.20 10.22
N GLY A 237 -1.09 -5.03 11.23
CA GLY A 237 -1.05 -4.58 12.61
C GLY A 237 0.05 -3.56 12.81
N VAL A 238 1.22 -3.76 12.19
CA VAL A 238 2.31 -2.78 12.30
C VAL A 238 1.93 -1.45 11.60
N LEU A 239 1.24 -1.53 10.47
CA LEU A 239 0.76 -0.34 9.74
C LEU A 239 -0.24 0.43 10.61
N LEU A 240 -1.12 -0.29 11.28
CA LEU A 240 -2.09 0.37 12.16
C LEU A 240 -1.30 1.18 13.18
N TRP A 241 -0.24 0.56 13.73
CA TRP A 241 0.60 1.20 14.69
C TRP A 241 1.20 2.46 14.08
N GLU A 242 1.61 2.40 12.80
CA GLU A 242 2.17 3.60 12.18
C GLU A 242 1.12 4.66 12.02
N ILE A 243 -0.10 4.26 11.73
CA ILE A 243 -1.16 5.25 11.55
C ILE A 243 -1.43 6.03 12.83
N PHE A 244 -1.42 5.35 13.98
CA PHE A 244 -1.72 6.04 15.24
C PHE A 244 -0.55 6.63 16.01
N SER A 245 0.64 6.54 15.41
CA SER A 245 1.83 7.15 15.97
C SER A 245 2.10 8.29 15.02
N LEU A 246 1.09 8.61 14.20
CA LEU A 246 1.20 9.65 13.19
C LEU A 246 2.50 9.58 12.39
N GLY A 247 2.73 8.45 11.73
CA GLY A 247 3.90 8.29 10.88
C GLY A 247 5.26 7.96 11.46
N ALA A 248 5.30 7.21 12.57
CA ALA A 248 6.56 6.85 13.19
C ALA A 248 7.10 5.49 12.73
N SER A 249 8.36 5.21 13.08
CA SER A 249 9.00 3.94 12.75
C SER A 249 8.70 2.96 13.88
N PRO A 250 8.23 1.75 13.56
CA PRO A 250 7.89 0.69 14.50
C PRO A 250 9.12 0.41 15.36
N TYR A 251 8.90 -0.25 16.51
CA TYR A 251 9.95 -0.63 17.47
C TYR A 251 10.98 0.48 17.65
N PRO A 252 10.52 1.65 18.14
CA PRO A 252 11.32 2.84 18.38
C PRO A 252 12.68 2.56 19.00
N GLY A 253 13.73 2.83 18.22
CA GLY A 253 15.12 2.66 18.65
C GLY A 253 15.54 1.31 19.20
N VAL A 254 14.75 0.30 18.92
CA VAL A 254 15.06 -1.04 19.39
C VAL A 254 16.06 -1.63 18.41
N LYS A 255 16.86 -2.59 18.87
CA LYS A 255 17.86 -3.25 18.02
C LYS A 255 17.26 -4.49 17.36
N ILE A 256 17.41 -4.65 16.03
CA ILE A 256 16.83 -5.82 15.37
C ILE A 256 17.69 -7.09 15.34
N ASP A 257 18.43 -7.30 16.42
CA ASP A 257 19.30 -8.45 16.58
C ASP A 257 18.51 -9.76 16.60
N GLU A 258 19.25 -10.86 16.71
CA GLU A 258 18.68 -12.20 16.74
C GLU A 258 17.94 -12.43 18.04
N GLU A 259 18.14 -11.53 19.00
CA GLU A 259 17.44 -11.65 20.27
C GLU A 259 16.15 -10.85 20.17
N PHE A 260 16.13 -9.95 19.19
CA PHE A 260 14.95 -9.15 18.95
C PHE A 260 13.94 -10.15 18.46
N CYS A 261 14.32 -10.90 17.42
CA CYS A 261 13.46 -11.92 16.84
C CYS A 261 13.13 -13.06 17.85
N ARG A 262 13.84 -13.10 18.98
CA ARG A 262 13.60 -14.12 20.00
C ARG A 262 12.43 -13.61 20.81
N ARG A 263 12.60 -12.39 21.32
CA ARG A 263 11.58 -11.70 22.11
C ARG A 263 10.26 -11.75 21.35
N LEU A 264 10.30 -11.19 20.15
CA LEU A 264 9.19 -11.11 19.22
C LEU A 264 8.54 -12.50 19.10
N LYS A 265 9.35 -13.55 19.02
CA LYS A 265 8.78 -14.88 18.93
C LYS A 265 8.20 -15.39 20.24
N GLU A 266 8.58 -14.77 21.36
CA GLU A 266 8.09 -15.16 22.68
C GLU A 266 6.88 -14.37 23.16
N GLY A 267 6.63 -13.20 22.55
CA GLY A 267 5.47 -12.43 22.95
C GLY A 267 5.72 -10.98 23.21
N THR A 268 6.94 -10.53 22.99
CA THR A 268 7.24 -9.13 23.20
C THR A 268 6.52 -8.35 22.08
N ARG A 269 5.91 -7.22 22.43
CA ARG A 269 5.17 -6.45 21.44
C ARG A 269 5.31 -4.98 21.73
N MET A 270 5.13 -4.16 20.70
CA MET A 270 5.18 -2.71 20.80
C MET A 270 4.12 -2.19 21.75
N ARG A 271 4.38 -1.03 22.32
CA ARG A 271 3.43 -0.39 23.23
C ARG A 271 2.52 0.52 22.42
N ALA A 272 1.43 0.95 23.01
CA ALA A 272 0.49 1.80 22.33
C ALA A 272 1.13 3.08 21.80
N PRO A 273 0.83 3.48 20.54
CA PRO A 273 1.40 4.70 19.97
C PRO A 273 0.62 5.86 20.61
N ASP A 274 1.19 7.05 20.59
CA ASP A 274 0.55 8.20 21.22
C ASP A 274 -0.83 8.60 20.80
N TYR A 275 -1.35 8.06 19.71
CA TYR A 275 -2.67 8.53 19.30
C TYR A 275 -3.71 7.48 19.12
N THR A 276 -3.43 6.27 19.61
CA THR A 276 -4.42 5.23 19.47
C THR A 276 -5.60 5.36 20.41
N THR A 277 -6.54 4.48 20.11
CA THR A 277 -7.73 4.31 20.83
C THR A 277 -7.38 2.97 21.47
N PRO A 278 -7.90 2.69 22.67
CA PRO A 278 -7.60 1.41 23.32
C PRO A 278 -8.04 0.26 22.44
N GLU A 279 -9.17 0.43 21.76
CA GLU A 279 -9.63 -0.65 20.89
C GLU A 279 -8.82 -0.75 19.60
N MET A 280 -8.18 0.35 19.18
CA MET A 280 -7.34 0.28 17.99
C MET A 280 -6.09 -0.46 18.40
N TYR A 281 -5.61 -0.21 19.62
CA TYR A 281 -4.43 -0.93 20.13
C TYR A 281 -4.75 -2.41 20.34
N GLN A 282 -5.95 -2.70 20.78
CA GLN A 282 -6.33 -4.09 20.98
C GLN A 282 -6.32 -4.78 19.62
N THR A 283 -6.71 -4.04 18.58
CA THR A 283 -6.72 -4.60 17.24
C THR A 283 -5.28 -4.88 16.79
N MET A 284 -4.34 -4.01 17.14
CA MET A 284 -2.93 -4.29 16.85
C MET A 284 -2.48 -5.60 17.52
N LEU A 285 -2.75 -5.73 18.83
CA LEU A 285 -2.38 -6.96 19.53
C LEU A 285 -2.97 -8.20 18.87
N ASP A 286 -4.18 -8.09 18.33
CA ASP A 286 -4.85 -9.22 17.63
C ASP A 286 -4.12 -9.63 16.36
N CYS A 287 -3.79 -8.63 15.55
CA CYS A 287 -3.07 -8.84 14.32
C CYS A 287 -1.67 -9.40 14.60
N TRP A 288 -1.10 -9.07 15.75
CA TRP A 288 0.22 -9.57 16.16
C TRP A 288 0.17 -10.88 16.94
N HIS A 289 -0.90 -11.67 16.73
CA HIS A 289 -1.02 -12.95 17.42
C HIS A 289 0.06 -13.94 16.95
N GLY A 290 0.62 -14.71 17.89
CA GLY A 290 1.66 -15.67 17.56
C GLY A 290 1.24 -16.66 16.49
N GLU A 291 0.03 -17.23 16.60
CA GLU A 291 -0.48 -18.15 15.60
C GLU A 291 -1.16 -17.40 14.45
N PRO A 292 -0.64 -17.55 13.21
CA PRO A 292 -1.23 -16.86 12.05
C PRO A 292 -2.70 -17.18 11.94
N SER A 293 -3.09 -18.38 12.33
CA SER A 293 -4.48 -18.81 12.27
C SER A 293 -5.36 -18.15 13.32
N GLN A 294 -4.73 -17.64 14.35
CA GLN A 294 -5.46 -17.00 15.42
C GLN A 294 -5.66 -15.51 15.18
N ARG A 295 -4.86 -14.95 14.27
CA ARG A 295 -4.96 -13.53 13.90
C ARG A 295 -6.24 -13.35 13.09
N PRO A 296 -6.86 -12.16 13.18
CA PRO A 296 -8.09 -12.00 12.40
C PRO A 296 -7.85 -12.04 10.88
N THR A 297 -8.89 -12.32 10.10
CA THR A 297 -8.74 -12.35 8.65
C THR A 297 -9.08 -10.94 8.22
N PHE A 298 -8.61 -10.50 7.05
CA PHE A 298 -8.95 -9.15 6.57
C PHE A 298 -10.47 -8.98 6.47
N SER A 299 -11.18 -10.05 6.18
CA SER A 299 -12.63 -9.90 6.14
C SER A 299 -13.08 -9.53 7.53
N GLU A 300 -12.60 -10.25 8.55
CA GLU A 300 -12.97 -9.93 9.94
C GLU A 300 -12.60 -8.50 10.30
N LEU A 301 -11.42 -8.06 9.89
CA LEU A 301 -10.98 -6.70 10.16
C LEU A 301 -11.80 -5.63 9.45
N VAL A 302 -12.36 -5.94 8.28
CA VAL A 302 -13.17 -4.94 7.61
C VAL A 302 -14.46 -4.74 8.40
N GLU A 303 -14.99 -5.82 8.95
CA GLU A 303 -16.20 -5.71 9.73
C GLU A 303 -15.94 -4.95 11.02
N HIS A 304 -14.89 -5.36 11.72
CA HIS A 304 -14.51 -4.75 12.98
C HIS A 304 -14.17 -3.27 12.85
N LEU A 305 -13.33 -2.90 11.89
CA LEU A 305 -12.97 -1.49 11.67
C LEU A 305 -14.20 -0.67 11.17
N GLY A 306 -15.13 -1.32 10.48
CA GLY A 306 -16.34 -0.63 10.06
C GLY A 306 -17.13 -0.31 11.32
N ASN A 307 -17.16 -1.25 12.27
CA ASN A 307 -17.86 -1.03 13.53
C ASN A 307 -17.20 0.13 14.28
N LEU A 308 -15.88 0.09 14.45
CA LEU A 308 -15.17 1.14 15.18
C LEU A 308 -15.35 2.47 14.52
N LEU A 309 -15.35 2.45 13.20
CA LEU A 309 -15.49 3.69 12.43
C LEU A 309 -16.85 4.30 12.67
N GLN A 310 -17.90 3.51 12.51
CA GLN A 310 -19.26 3.98 12.73
C GLN A 310 -19.52 4.34 14.18
N ALA A 311 -18.87 3.62 15.10
CA ALA A 311 -19.03 3.91 16.50
C ALA A 311 -18.37 5.26 16.72
N ASN A 312 -17.31 5.56 15.96
CA ASN A 312 -16.64 6.85 16.07
C ASN A 312 -17.66 7.97 15.80
N ALA A 313 -18.66 7.65 14.96
CA ALA A 313 -19.78 8.52 14.54
C ALA A 313 -19.55 9.37 13.31
#